data_2DTM
#
_entry.id   2DTM
#
_cell.length_a   68.263
_cell.length_b   80.762
_cell.length_c   89.294
_cell.angle_alpha   90.00
_cell.angle_beta   90.00
_cell.angle_gamma   90.00
#
_symmetry.space_group_name_H-M   'P 21 21 21'
#
loop_
_entity.id
_entity.type
_entity.pdbx_description
1 polymer 'IMMUNOGLOBULIN 6D9'
2 polymer 'IMMUNOGLOBULIN 6D9'
3 water water
#
loop_
_entity_poly.entity_id
_entity_poly.type
_entity_poly.pdbx_seq_one_letter_code
_entity_poly.pdbx_strand_id
1 'polypeptide(L)'
;DVLMTQTPLSLPVSLGDQASISCRSSQTIVHSNGDTYLDWFLQKPGQSPKLLIYKVSNRFSGVPDRFSGSGSGTDFTLKI
SRVEAEDLGVYYCFQGSHVPPTFGGGTKLEIKRADAAPTVSIFPPSSEQLTSGGASVVCFLNNFYPKDINVKWKIDGSER
QNGVLNSWTDQDSKDSTYSMSSTLTLTKDEYERHNSYTCEATHKTSTSPIVKSFNRNEC
;
L
2 'polypeptide(L)'
;EVKLVESGGGLVKPGGSLKLSCAASGFTFSNYAMSWVRQTPEKRLEWVVSISSGGSIYYLDSVKGRFTVSRDNARNILYL
QMTSLRSEDTAMYFCARVSHYDGSRDWYFDVWGAGTSVTVSSAKTTPPSVYPLAPGSAAQTNSMVTLGCLVKGYFPEPVT
VTWNSGSLSSGVHTFPAVLQSDLYTLSSSVTVPSSTWPSETVTCNVAHPASSTKVDKKIVPRDC
;
H
#
# COMPACT_ATOMS: atom_id res chain seq x y z
N ASP A 1 -3.40 2.72 29.31
CA ASP A 1 -3.98 2.46 27.96
C ASP A 1 -4.31 0.99 27.77
N VAL A 2 -5.26 0.71 26.90
CA VAL A 2 -5.64 -0.66 26.62
C VAL A 2 -4.85 -1.15 25.42
N LEU A 3 -4.17 -2.28 25.57
CA LEU A 3 -3.39 -2.84 24.48
C LEU A 3 -4.15 -3.98 23.85
N MET A 4 -4.20 -3.97 22.52
CA MET A 4 -4.90 -5.00 21.77
C MET A 4 -3.87 -5.83 21.03
N THR A 5 -3.79 -7.11 21.37
CA THR A 5 -2.86 -8.05 20.74
C THR A 5 -3.62 -8.99 19.82
N GLN A 6 -3.16 -9.09 18.58
CA GLN A 6 -3.81 -9.94 17.60
C GLN A 6 -2.97 -11.13 17.18
N THR A 7 -3.64 -12.27 16.99
CA THR A 7 -2.98 -13.49 16.55
C THR A 7 -3.94 -14.25 15.62
N PRO A 8 -3.41 -14.87 14.56
CA PRO A 8 -1.98 -14.87 14.19
C PRO A 8 -1.63 -13.55 13.52
N LEU A 9 -0.35 -13.31 13.28
CA LEU A 9 0.04 -12.06 12.64
C LEU A 9 -0.12 -12.16 11.14
N SER A 10 -0.12 -13.41 10.65
CA SER A 10 -0.30 -13.71 9.22
C SER A 10 -1.21 -14.95 9.17
N LEU A 11 -2.03 -15.07 8.13
CA LEU A 11 -2.93 -16.22 8.08
C LEU A 11 -3.36 -16.71 6.70
N PRO A 12 -2.79 -17.86 6.26
CA PRO A 12 -3.09 -18.49 4.96
C PRO A 12 -4.41 -19.26 5.02
N VAL A 13 -5.19 -19.24 3.95
CA VAL A 13 -6.47 -19.93 3.92
C VAL A 13 -6.89 -20.19 2.48
N SER A 14 -7.57 -21.31 2.27
CA SER A 14 -8.01 -21.66 0.92
C SER A 14 -9.46 -21.19 0.70
N LEU A 15 -9.85 -20.98 -0.55
CA LEU A 15 -11.20 -20.53 -0.85
C LEU A 15 -12.23 -21.53 -0.33
N GLY A 16 -13.28 -21.02 0.32
CA GLY A 16 -14.32 -21.88 0.86
C GLY A 16 -14.13 -22.25 2.32
N ASP A 17 -12.88 -22.30 2.77
CA ASP A 17 -12.58 -22.65 4.16
C ASP A 17 -12.87 -21.49 5.11
N GLN A 18 -12.79 -21.75 6.40
CA GLN A 18 -13.06 -20.73 7.40
C GLN A 18 -11.77 -20.12 7.96
N ALA A 19 -11.83 -18.82 8.23
CA ALA A 19 -10.69 -18.10 8.78
C ALA A 19 -11.07 -17.63 10.18
N SER A 20 -10.13 -17.72 11.11
CA SER A 20 -10.36 -17.32 12.48
C SER A 20 -9.23 -16.40 12.92
N ILE A 21 -9.59 -15.26 13.47
CA ILE A 21 -8.61 -14.25 13.92
C ILE A 21 -8.90 -13.90 15.37
N SER A 22 -7.86 -13.85 16.21
CA SER A 22 -8.05 -13.54 17.62
C SER A 22 -7.50 -12.19 18.02
N CYS A 23 -8.16 -11.58 19.00
CA CYS A 23 -7.77 -10.30 19.53
C CYS A 23 -7.86 -10.44 21.04
N ARG A 24 -6.80 -10.08 21.73
CA ARG A 24 -6.80 -10.16 23.19
C ARG A 24 -6.48 -8.79 23.75
N SER A 25 -7.26 -8.34 24.74
CA SER A 25 -6.99 -7.04 25.34
C SER A 25 -6.24 -7.20 26.65
N SER A 26 -5.68 -6.10 27.13
CA SER A 26 -4.91 -6.11 28.37
C SER A 26 -5.80 -5.98 29.60
N GLN A 27 -7.11 -5.84 29.39
CA GLN A 27 -8.09 -5.73 30.47
C GLN A 27 -9.44 -5.98 29.83
N THR A 28 -10.46 -6.24 30.64
CA THR A 28 -11.81 -6.47 30.11
C THR A 28 -12.27 -5.15 29.52
N ILE A 29 -12.99 -5.19 28.41
CA ILE A 29 -13.42 -3.93 27.78
C ILE A 29 -14.91 -3.62 27.86
N VAL A 30 -15.52 -3.91 29.01
CA VAL A 30 -16.94 -3.62 29.20
C VAL A 30 -17.08 -2.13 29.48
N HIS A 31 -18.23 -1.57 29.13
CA HIS A 31 -18.50 -0.15 29.34
C HIS A 31 -19.44 0.01 30.53
N SER A 32 -19.66 1.25 30.95
CA SER A 32 -20.52 1.54 32.10
C SER A 32 -21.92 0.93 32.02
N ASN A 33 -22.48 0.82 30.83
CA ASN A 33 -23.81 0.25 30.64
C ASN A 33 -23.91 -1.27 30.80
N GLY A 34 -23.22 -2.01 29.94
CA GLY A 34 -23.24 -3.46 29.99
C GLY A 34 -22.91 -4.03 28.63
N ASP A 35 -22.29 -3.18 27.80
CA ASP A 35 -21.90 -3.54 26.46
C ASP A 35 -20.38 -3.43 26.24
N THR A 36 -19.87 -4.26 25.34
CA THR A 36 -18.45 -4.29 25.01
C THR A 36 -18.27 -3.65 23.63
N TYR A 37 -17.49 -2.57 23.57
CA TYR A 37 -17.30 -1.88 22.31
C TYR A 37 -16.08 -2.30 21.49
N LEU A 38 -16.06 -3.55 21.07
CA LEU A 38 -14.95 -4.04 20.27
C LEU A 38 -15.40 -4.15 18.82
N ASP A 39 -14.66 -3.52 17.92
CA ASP A 39 -14.98 -3.54 16.49
C ASP A 39 -13.87 -4.18 15.68
N TRP A 40 -14.24 -4.65 14.50
CA TRP A 40 -13.32 -5.25 13.57
C TRP A 40 -13.40 -4.45 12.26
N PHE A 41 -12.24 -4.16 11.70
CA PHE A 41 -12.14 -3.42 10.45
C PHE A 41 -11.31 -4.26 9.50
N LEU A 42 -11.55 -4.06 8.21
CA LEU A 42 -10.79 -4.74 7.18
C LEU A 42 -10.22 -3.66 6.27
N GLN A 43 -8.92 -3.74 6.01
CA GLN A 43 -8.27 -2.79 5.13
C GLN A 43 -7.69 -3.53 3.92
N LYS A 44 -8.38 -3.46 2.80
CA LYS A 44 -7.89 -4.11 1.58
C LYS A 44 -6.71 -3.30 1.07
N PRO A 45 -5.76 -3.93 0.38
CA PRO A 45 -4.60 -3.18 -0.13
C PRO A 45 -4.94 -1.89 -0.88
N GLY A 46 -4.18 -0.85 -0.60
CA GLY A 46 -4.37 0.43 -1.25
C GLY A 46 -5.57 1.25 -0.79
N GLN A 47 -6.48 0.62 -0.06
CA GLN A 47 -7.67 1.31 0.43
C GLN A 47 -7.53 1.74 1.89
N SER A 48 -8.61 2.30 2.43
CA SER A 48 -8.63 2.74 3.82
C SER A 48 -9.49 1.71 4.58
N PRO A 49 -9.31 1.60 5.91
CA PRO A 49 -10.07 0.65 6.72
C PRO A 49 -11.58 0.79 6.56
N LYS A 50 -12.29 -0.32 6.78
CA LYS A 50 -13.73 -0.34 6.68
C LYS A 50 -14.37 -1.29 7.70
N LEU A 51 -15.29 -0.72 8.47
CA LEU A 51 -16.02 -1.43 9.52
C LEU A 51 -16.75 -2.66 9.02
N LEU A 52 -16.52 -3.80 9.68
CA LEU A 52 -17.17 -5.06 9.33
C LEU A 52 -18.14 -5.44 10.44
N ILE A 53 -17.61 -5.48 11.66
CA ILE A 53 -18.37 -5.81 12.86
C ILE A 53 -18.10 -4.78 13.94
N TYR A 54 -19.13 -4.47 14.73
CA TYR A 54 -19.00 -3.50 15.81
C TYR A 54 -19.70 -4.07 17.03
N LYS A 55 -19.28 -3.63 18.21
CA LYS A 55 -19.86 -4.10 19.47
C LYS A 55 -19.83 -5.62 19.57
N VAL A 56 -18.69 -6.22 19.24
CA VAL A 56 -18.46 -7.65 19.32
C VAL A 56 -19.07 -8.57 18.27
N SER A 57 -20.37 -8.43 18.01
CA SER A 57 -21.03 -9.34 17.07
C SER A 57 -21.97 -8.77 16.03
N ASN A 58 -22.20 -7.46 16.05
CA ASN A 58 -23.13 -6.88 15.09
C ASN A 58 -22.50 -6.56 13.75
N ARG A 59 -23.07 -7.10 12.68
CA ARG A 59 -22.57 -6.85 11.34
C ARG A 59 -22.98 -5.46 10.90
N PHE A 60 -22.08 -4.81 10.17
CA PHE A 60 -22.33 -3.47 9.67
C PHE A 60 -23.11 -3.61 8.37
N SER A 61 -23.85 -2.56 8.00
CA SER A 61 -24.64 -2.58 6.78
C SER A 61 -23.82 -3.02 5.57
N GLY A 62 -24.33 -3.99 4.82
CA GLY A 62 -23.64 -4.48 3.64
C GLY A 62 -22.63 -5.58 3.90
N VAL A 63 -22.53 -6.01 5.16
CA VAL A 63 -21.60 -7.08 5.49
C VAL A 63 -22.37 -8.39 5.54
N PRO A 64 -21.97 -9.37 4.72
CA PRO A 64 -22.62 -10.69 4.67
C PRO A 64 -22.62 -11.41 6.01
N ASP A 65 -23.43 -12.46 6.11
CA ASP A 65 -23.49 -13.23 7.34
C ASP A 65 -22.28 -14.16 7.43
N ARG A 66 -21.48 -14.18 6.37
CA ARG A 66 -20.29 -15.01 6.33
C ARG A 66 -19.33 -14.53 7.43
N PHE A 67 -19.50 -13.26 7.82
CA PHE A 67 -18.67 -12.63 8.84
C PHE A 67 -19.37 -12.67 10.21
N SER A 68 -18.66 -13.12 11.23
CA SER A 68 -19.26 -13.17 12.56
C SER A 68 -18.21 -12.86 13.59
N GLY A 69 -18.66 -12.29 14.71
CA GLY A 69 -17.77 -11.94 15.79
C GLY A 69 -18.31 -12.49 17.10
N SER A 70 -17.42 -12.75 18.05
CA SER A 70 -17.81 -13.26 19.37
C SER A 70 -16.68 -12.98 20.34
N GLY A 71 -16.88 -13.38 21.60
CA GLY A 71 -15.86 -13.17 22.61
C GLY A 71 -16.39 -12.52 23.87
N SER A 72 -15.57 -12.53 24.92
CA SER A 72 -15.91 -11.94 26.20
C SER A 72 -14.68 -11.91 27.11
N GLY A 73 -14.60 -10.89 27.95
CA GLY A 73 -13.47 -10.76 28.83
C GLY A 73 -12.38 -10.07 28.04
N THR A 74 -11.34 -10.82 27.68
CA THR A 74 -10.27 -10.22 26.91
C THR A 74 -10.05 -10.91 25.58
N ASP A 75 -10.74 -12.03 25.37
CA ASP A 75 -10.61 -12.79 24.12
C ASP A 75 -11.77 -12.56 23.14
N PHE A 76 -11.45 -12.05 21.96
CA PHE A 76 -12.47 -11.82 20.93
C PHE A 76 -12.00 -12.50 19.67
N THR A 77 -12.95 -13.01 18.90
CA THR A 77 -12.63 -13.73 17.69
C THR A 77 -13.48 -13.29 16.49
N LEU A 78 -12.86 -13.24 15.31
CA LEU A 78 -13.58 -12.89 14.10
C LEU A 78 -13.50 -14.11 13.20
N LYS A 79 -14.65 -14.61 12.76
CA LYS A 79 -14.63 -15.76 11.90
C LYS A 79 -15.18 -15.43 10.53
N ILE A 80 -14.46 -15.86 9.50
CA ILE A 80 -14.86 -15.62 8.13
C ILE A 80 -15.15 -16.97 7.50
N SER A 81 -16.42 -17.27 7.30
CA SER A 81 -16.84 -18.54 6.71
C SER A 81 -16.84 -18.44 5.20
N ARG A 82 -16.43 -19.51 4.53
CA ARG A 82 -16.38 -19.54 3.08
C ARG A 82 -15.63 -18.33 2.53
N VAL A 83 -14.30 -18.38 2.65
CA VAL A 83 -13.47 -17.29 2.19
C VAL A 83 -13.45 -17.10 0.68
N GLU A 84 -13.66 -15.86 0.25
CA GLU A 84 -13.63 -15.51 -1.16
C GLU A 84 -12.37 -14.65 -1.33
N ALA A 85 -11.74 -14.71 -2.49
CA ALA A 85 -10.51 -13.95 -2.73
C ALA A 85 -10.60 -12.47 -2.37
N GLU A 86 -11.82 -11.92 -2.42
CA GLU A 86 -12.03 -10.52 -2.11
C GLU A 86 -11.83 -10.19 -0.61
N ASP A 87 -11.96 -11.20 0.25
CA ASP A 87 -11.79 -10.99 1.69
C ASP A 87 -10.34 -10.69 2.03
N LEU A 88 -9.49 -10.76 1.03
CA LEU A 88 -8.07 -10.49 1.19
C LEU A 88 -7.84 -9.10 1.77
N GLY A 89 -6.94 -9.00 2.74
CA GLY A 89 -6.63 -7.71 3.36
C GLY A 89 -6.10 -7.86 4.77
N VAL A 90 -5.94 -6.74 5.48
CA VAL A 90 -5.47 -6.78 6.85
C VAL A 90 -6.67 -6.48 7.75
N TYR A 91 -6.96 -7.39 8.68
CA TYR A 91 -8.07 -7.23 9.62
C TYR A 91 -7.52 -6.61 10.89
N TYR A 92 -8.29 -5.71 11.48
CA TYR A 92 -7.85 -5.02 12.68
C TYR A 92 -8.95 -4.99 13.72
N CYS A 93 -8.63 -5.27 14.99
CA CYS A 93 -9.67 -5.15 16.01
C CYS A 93 -9.49 -3.76 16.57
N PHE A 94 -10.48 -3.31 17.32
CA PHE A 94 -10.45 -1.96 17.85
C PHE A 94 -11.42 -1.86 18.99
N GLN A 95 -11.08 -1.03 19.97
CA GLN A 95 -11.95 -0.81 21.11
C GLN A 95 -12.06 0.70 21.29
N GLY A 96 -13.29 1.16 21.51
CA GLY A 96 -13.54 2.57 21.70
C GLY A 96 -14.05 2.83 23.12
N SER A 97 -14.19 1.76 23.88
CA SER A 97 -14.65 1.85 25.25
C SER A 97 -13.79 2.82 26.03
N HIS A 98 -12.52 2.48 26.20
CA HIS A 98 -11.59 3.30 26.96
C HIS A 98 -10.73 4.27 26.16
N VAL A 99 -10.33 5.36 26.82
CA VAL A 99 -9.51 6.39 26.23
C VAL A 99 -8.04 6.13 26.56
N PRO A 100 -7.16 6.17 25.55
CA PRO A 100 -7.53 6.46 24.15
C PRO A 100 -7.99 5.24 23.39
N PRO A 101 -8.87 5.41 22.39
CA PRO A 101 -9.30 4.24 21.64
C PRO A 101 -8.04 3.64 20.98
N THR A 102 -7.94 2.31 20.97
CA THR A 102 -6.76 1.65 20.41
C THR A 102 -7.10 0.52 19.45
N PHE A 103 -6.19 0.24 18.51
CA PHE A 103 -6.36 -0.83 17.54
C PHE A 103 -5.33 -1.94 17.80
N GLY A 104 -5.65 -3.15 17.35
CA GLY A 104 -4.71 -4.23 17.45
C GLY A 104 -3.70 -4.01 16.30
N GLY A 105 -2.63 -4.79 16.27
CA GLY A 105 -1.61 -4.63 15.25
C GLY A 105 -1.98 -5.15 13.87
N GLY A 106 -3.09 -5.87 13.79
CA GLY A 106 -3.52 -6.38 12.51
C GLY A 106 -3.09 -7.80 12.19
N THR A 107 -3.94 -8.49 11.44
CA THR A 107 -3.72 -9.85 10.99
C THR A 107 -3.90 -9.87 9.48
N LYS A 108 -2.86 -10.23 8.74
CA LYS A 108 -2.96 -10.29 7.28
C LYS A 108 -3.48 -11.62 6.77
N LEU A 109 -4.62 -11.58 6.08
CA LEU A 109 -5.23 -12.78 5.53
C LEU A 109 -4.83 -12.98 4.07
N GLU A 110 -4.16 -14.09 3.77
CA GLU A 110 -3.76 -14.37 2.39
C GLU A 110 -4.51 -15.58 1.86
N ILE A 111 -4.92 -15.51 0.60
CA ILE A 111 -5.66 -16.58 -0.04
C ILE A 111 -4.71 -17.62 -0.64
N LYS A 112 -4.96 -18.88 -0.34
CA LYS A 112 -4.14 -19.96 -0.88
C LYS A 112 -4.79 -20.43 -2.17
N ARG A 113 -4.00 -20.50 -3.24
CA ARG A 113 -4.50 -20.96 -4.53
C ARG A 113 -3.57 -22.01 -5.10
N ALA A 114 -3.95 -22.60 -6.23
CA ALA A 114 -3.12 -23.60 -6.87
C ALA A 114 -1.80 -22.96 -7.30
N ASP A 115 -0.68 -23.64 -7.07
CA ASP A 115 0.62 -23.11 -7.45
C ASP A 115 0.59 -22.63 -8.90
N ALA A 116 1.45 -21.68 -9.23
CA ALA A 116 1.54 -21.16 -10.58
C ALA A 116 2.95 -20.64 -10.81
N ALA A 117 3.53 -21.02 -11.94
CA ALA A 117 4.87 -20.59 -12.26
C ALA A 117 4.82 -19.12 -12.69
N PRO A 118 5.94 -18.42 -12.62
CA PRO A 118 5.88 -17.03 -13.02
C PRO A 118 6.01 -16.90 -14.53
N THR A 119 5.80 -15.69 -15.00
CA THR A 119 5.96 -15.36 -16.41
C THR A 119 7.09 -14.37 -16.34
N VAL A 120 8.26 -14.78 -16.82
CA VAL A 120 9.47 -13.95 -16.76
C VAL A 120 9.80 -13.09 -17.99
N SER A 121 10.17 -11.84 -17.75
CA SER A 121 10.53 -10.90 -18.82
C SER A 121 11.71 -10.10 -18.35
N ILE A 122 12.70 -9.95 -19.22
CA ILE A 122 13.89 -9.17 -18.88
C ILE A 122 13.93 -7.92 -19.74
N PHE A 123 14.46 -6.83 -19.19
CA PHE A 123 14.52 -5.57 -19.93
C PHE A 123 15.89 -4.92 -19.84
N PRO A 124 16.43 -4.46 -20.98
CA PRO A 124 17.75 -3.82 -21.02
C PRO A 124 17.64 -2.40 -20.51
N PRO A 125 18.77 -1.79 -20.13
CA PRO A 125 18.72 -0.42 -19.65
C PRO A 125 18.11 0.44 -20.76
N SER A 126 17.60 1.61 -20.41
CA SER A 126 17.02 2.46 -21.43
C SER A 126 18.13 3.39 -21.94
N SER A 127 18.06 3.69 -23.23
CA SER A 127 19.04 4.59 -23.83
C SER A 127 19.07 5.86 -23.00
N GLU A 128 17.89 6.28 -22.57
CA GLU A 128 17.75 7.49 -21.77
C GLU A 128 18.57 7.45 -20.47
N GLN A 129 18.62 6.27 -19.83
CA GLN A 129 19.38 6.14 -18.58
C GLN A 129 20.87 6.03 -18.88
N LEU A 130 21.21 5.19 -19.85
CA LEU A 130 22.61 5.01 -20.23
C LEU A 130 23.28 6.37 -20.40
N THR A 131 22.54 7.31 -20.99
CA THR A 131 23.06 8.66 -21.22
C THR A 131 23.57 9.36 -19.96
N SER A 132 22.93 9.10 -18.83
CA SER A 132 23.32 9.75 -17.57
C SER A 132 24.40 9.03 -16.78
N GLY A 133 25.05 8.05 -17.42
CA GLY A 133 26.12 7.33 -16.75
C GLY A 133 25.75 6.14 -15.88
N GLY A 134 24.51 5.69 -15.98
CA GLY A 134 24.08 4.56 -15.18
C GLY A 134 23.42 3.52 -16.06
N ALA A 135 23.09 2.37 -15.48
CA ALA A 135 22.43 1.31 -16.23
C ALA A 135 21.77 0.36 -15.25
N SER A 136 20.54 -0.03 -15.56
CA SER A 136 19.77 -0.93 -14.72
C SER A 136 19.17 -2.00 -15.61
N VAL A 137 19.33 -3.26 -15.22
CA VAL A 137 18.76 -4.33 -16.02
C VAL A 137 17.62 -4.82 -15.15
N VAL A 138 16.43 -4.88 -15.72
CA VAL A 138 15.26 -5.28 -14.95
C VAL A 138 14.66 -6.62 -15.37
N CYS A 139 14.07 -7.30 -14.40
CA CYS A 139 13.45 -8.58 -14.68
C CYS A 139 12.13 -8.70 -13.90
N PHE A 140 11.06 -9.09 -14.58
CA PHE A 140 9.76 -9.25 -13.95
C PHE A 140 9.37 -10.72 -13.81
N LEU A 141 8.93 -11.11 -12.62
CA LEU A 141 8.44 -12.48 -12.39
C LEU A 141 7.00 -12.22 -11.97
N ASN A 142 6.09 -12.25 -12.94
CA ASN A 142 4.68 -11.95 -12.71
C ASN A 142 3.68 -13.09 -12.54
N ASN A 143 2.68 -12.80 -11.72
CA ASN A 143 1.58 -13.72 -11.45
C ASN A 143 1.98 -15.17 -11.18
N PHE A 144 2.59 -15.39 -10.02
CA PHE A 144 3.03 -16.70 -9.59
C PHE A 144 2.56 -17.01 -8.16
N TYR A 145 2.72 -18.26 -7.75
CA TYR A 145 2.32 -18.68 -6.41
C TYR A 145 2.96 -20.04 -6.09
N PRO A 146 3.45 -20.23 -4.85
CA PRO A 146 3.45 -19.31 -3.71
C PRO A 146 4.44 -18.16 -3.83
N LYS A 147 4.36 -17.22 -2.90
CA LYS A 147 5.20 -16.02 -2.89
C LYS A 147 6.69 -16.25 -2.98
N ASP A 148 7.15 -17.34 -2.39
CA ASP A 148 8.57 -17.70 -2.37
C ASP A 148 9.15 -17.92 -3.75
N ILE A 149 10.36 -17.41 -3.98
CA ILE A 149 11.00 -17.56 -5.26
C ILE A 149 12.41 -17.03 -5.20
N ASN A 150 13.29 -17.55 -6.05
CA ASN A 150 14.69 -17.11 -6.11
C ASN A 150 14.98 -16.56 -7.51
N VAL A 151 15.90 -15.61 -7.57
CA VAL A 151 16.29 -14.99 -8.82
C VAL A 151 17.81 -14.88 -8.93
N LYS A 152 18.37 -15.42 -10.00
CA LYS A 152 19.81 -15.38 -10.18
C LYS A 152 20.15 -14.54 -11.41
N TRP A 153 21.17 -13.69 -11.30
CA TRP A 153 21.60 -12.86 -12.42
C TRP A 153 22.96 -13.33 -12.97
N LYS A 154 23.10 -13.33 -14.30
CA LYS A 154 24.34 -13.75 -14.93
C LYS A 154 24.77 -12.77 -16.02
N ILE A 155 26.05 -12.44 -16.01
CA ILE A 155 26.61 -11.54 -17.00
C ILE A 155 27.62 -12.34 -17.80
N ASP A 156 27.19 -12.85 -18.95
CA ASP A 156 28.03 -13.66 -19.83
C ASP A 156 28.17 -15.05 -19.22
N GLY A 157 27.14 -15.46 -18.49
CA GLY A 157 27.15 -16.77 -17.86
C GLY A 157 27.87 -16.73 -16.53
N SER A 158 28.38 -15.55 -16.17
CA SER A 158 29.10 -15.38 -14.90
C SER A 158 28.21 -14.73 -13.84
N GLU A 159 27.56 -15.56 -13.03
CA GLU A 159 26.67 -15.11 -11.96
C GLU A 159 27.10 -13.83 -11.23
N ARG A 160 26.16 -12.90 -11.09
CA ARG A 160 26.41 -11.61 -10.42
C ARG A 160 25.43 -11.43 -9.27
N GLN A 161 25.92 -10.98 -8.10
CA GLN A 161 25.05 -10.78 -6.94
C GLN A 161 25.05 -9.37 -6.38
N ASN A 162 26.21 -8.72 -6.36
CA ASN A 162 26.27 -7.37 -5.83
C ASN A 162 25.49 -6.38 -6.70
N GLY A 163 24.64 -5.57 -6.09
CA GLY A 163 23.87 -4.59 -6.83
C GLY A 163 22.49 -5.05 -7.30
N VAL A 164 21.97 -6.10 -6.66
CA VAL A 164 20.68 -6.62 -7.03
C VAL A 164 19.66 -6.21 -5.97
N LEU A 165 18.46 -5.86 -6.42
CA LEU A 165 17.39 -5.45 -5.50
C LEU A 165 16.06 -6.09 -5.91
N ASN A 166 15.45 -6.83 -4.99
CA ASN A 166 14.18 -7.50 -5.25
C ASN A 166 13.07 -6.86 -4.43
N SER A 167 11.86 -6.83 -4.98
CA SER A 167 10.73 -6.22 -4.31
C SER A 167 9.51 -6.97 -4.77
N TRP A 168 8.70 -7.40 -3.81
CA TRP A 168 7.50 -8.17 -4.06
C TRP A 168 6.26 -7.31 -3.90
N THR A 169 5.21 -7.65 -4.64
CA THR A 169 3.94 -6.94 -4.54
C THR A 169 3.13 -7.69 -3.50
N ASP A 170 2.02 -7.11 -3.07
CA ASP A 170 1.14 -7.78 -2.11
C ASP A 170 0.37 -8.75 -2.98
N GLN A 171 -0.46 -9.58 -2.36
CA GLN A 171 -1.23 -10.54 -3.13
C GLN A 171 -2.34 -9.83 -3.88
N ASP A 172 -2.49 -10.13 -5.16
CA ASP A 172 -3.52 -9.54 -6.00
C ASP A 172 -4.91 -10.00 -5.54
N SER A 173 -5.89 -9.11 -5.60
CA SER A 173 -7.25 -9.42 -5.18
C SER A 173 -8.00 -10.21 -6.26
N LYS A 174 -7.47 -10.22 -7.48
CA LYS A 174 -8.09 -10.94 -8.59
C LYS A 174 -7.73 -12.43 -8.61
N ASP A 175 -6.52 -12.73 -9.07
CA ASP A 175 -6.04 -14.10 -9.19
C ASP A 175 -5.33 -14.70 -7.97
N SER A 176 -5.22 -13.93 -6.90
CA SER A 176 -4.57 -14.44 -5.68
C SER A 176 -3.11 -14.79 -5.89
N THR A 177 -2.46 -14.12 -6.84
CA THR A 177 -1.06 -14.37 -7.14
C THR A 177 -0.17 -13.27 -6.58
N TYR A 178 1.13 -13.43 -6.80
CA TYR A 178 2.15 -12.49 -6.37
C TYR A 178 3.00 -12.17 -7.59
N SER A 179 3.71 -11.06 -7.56
CA SER A 179 4.60 -10.70 -8.65
C SER A 179 5.79 -10.06 -7.98
N MET A 180 6.96 -10.17 -8.60
CA MET A 180 8.15 -9.59 -8.03
C MET A 180 9.11 -9.05 -9.10
N SER A 181 9.87 -8.02 -8.74
CA SER A 181 10.84 -7.43 -9.65
C SER A 181 12.24 -7.55 -9.08
N SER A 182 13.20 -7.78 -9.98
CA SER A 182 14.60 -7.89 -9.60
C SER A 182 15.32 -6.88 -10.46
N THR A 183 16.06 -5.99 -9.81
CA THR A 183 16.77 -4.93 -10.50
C THR A 183 18.28 -4.87 -10.23
N LEU A 184 19.04 -5.28 -11.24
CA LEU A 184 20.50 -5.28 -11.19
C LEU A 184 20.99 -3.91 -11.63
N THR A 185 21.67 -3.21 -10.73
CA THR A 185 22.17 -1.89 -11.06
C THR A 185 23.69 -1.85 -11.16
N LEU A 186 24.17 -1.35 -12.29
CA LEU A 186 25.59 -1.22 -12.57
C LEU A 186 25.84 0.06 -13.37
N THR A 187 27.11 0.41 -13.56
CA THR A 187 27.45 1.61 -14.32
C THR A 187 27.41 1.37 -15.82
N LYS A 188 27.32 2.45 -16.59
CA LYS A 188 27.30 2.37 -18.04
C LYS A 188 28.57 1.65 -18.49
N ASP A 189 29.73 2.26 -18.19
CA ASP A 189 31.04 1.71 -18.55
C ASP A 189 31.13 0.21 -18.29
N GLU A 190 30.64 -0.20 -17.13
CA GLU A 190 30.67 -1.60 -16.74
C GLU A 190 29.71 -2.42 -17.59
N TYR A 191 28.50 -1.91 -17.74
CA TYR A 191 27.47 -2.58 -18.53
C TYR A 191 27.89 -2.87 -19.97
N GLU A 192 28.46 -1.87 -20.64
CA GLU A 192 28.89 -2.01 -22.02
C GLU A 192 30.13 -2.88 -22.19
N ARG A 193 30.76 -3.23 -21.08
CA ARG A 193 31.97 -4.04 -21.10
C ARG A 193 31.62 -5.54 -21.18
N HIS A 194 30.35 -5.83 -21.42
CA HIS A 194 29.90 -7.23 -21.51
C HIS A 194 28.74 -7.36 -22.48
N ASN A 195 28.26 -8.59 -22.69
CA ASN A 195 27.17 -8.80 -23.65
C ASN A 195 25.95 -9.61 -23.24
N SER A 196 26.16 -10.83 -22.74
CA SER A 196 25.03 -11.68 -22.38
C SER A 196 24.49 -11.57 -20.94
N TYR A 197 23.38 -10.84 -20.79
CA TYR A 197 22.74 -10.65 -19.49
C TYR A 197 21.60 -11.63 -19.37
N THR A 198 21.60 -12.40 -18.29
CA THR A 198 20.59 -13.42 -18.09
C THR A 198 19.84 -13.28 -16.77
N CYS A 199 18.58 -13.69 -16.78
CA CYS A 199 17.77 -13.63 -15.59
C CYS A 199 17.16 -15.01 -15.44
N GLU A 200 17.47 -15.69 -14.34
CA GLU A 200 16.94 -17.04 -14.11
C GLU A 200 15.99 -17.05 -12.92
N ALA A 201 14.84 -17.66 -13.12
CA ALA A 201 13.85 -17.72 -12.05
C ALA A 201 13.65 -19.15 -11.56
N THR A 202 13.96 -19.39 -10.29
CA THR A 202 13.78 -20.72 -9.72
C THR A 202 12.58 -20.68 -8.77
N HIS A 203 11.56 -21.46 -9.10
CA HIS A 203 10.33 -21.53 -8.33
C HIS A 203 9.99 -23.00 -8.09
N LYS A 204 9.26 -23.31 -7.02
CA LYS A 204 8.91 -24.68 -6.71
C LYS A 204 8.07 -25.41 -7.78
N THR A 205 7.50 -24.67 -8.72
CA THR A 205 6.67 -25.26 -9.77
C THR A 205 7.46 -26.09 -10.77
N SER A 206 8.78 -26.05 -10.67
CA SER A 206 9.63 -26.81 -11.58
C SER A 206 11.08 -26.79 -11.07
N THR A 207 11.81 -27.86 -11.36
CA THR A 207 13.21 -27.96 -10.95
C THR A 207 13.97 -27.16 -11.99
N SER A 208 13.36 -27.02 -13.16
CA SER A 208 13.95 -26.28 -14.26
C SER A 208 13.67 -24.79 -14.04
N PRO A 209 14.73 -23.96 -13.98
CA PRO A 209 14.57 -22.53 -13.76
C PRO A 209 14.26 -21.76 -15.05
N ILE A 210 13.10 -21.10 -15.07
CA ILE A 210 12.70 -20.31 -16.22
C ILE A 210 13.81 -19.29 -16.53
N VAL A 211 14.37 -19.36 -17.73
CA VAL A 211 15.45 -18.46 -18.14
C VAL A 211 15.11 -17.52 -19.28
N LYS A 212 15.46 -16.25 -19.10
CA LYS A 212 15.24 -15.22 -20.10
C LYS A 212 16.51 -14.38 -20.11
N SER A 213 16.90 -13.89 -21.28
CA SER A 213 18.10 -13.07 -21.38
C SER A 213 18.19 -12.37 -22.72
N PHE A 214 19.16 -11.48 -22.86
CA PHE A 214 19.35 -10.74 -24.09
C PHE A 214 20.82 -10.41 -24.26
N ASN A 215 21.18 -9.90 -25.44
CA ASN A 215 22.56 -9.55 -25.73
C ASN A 215 22.56 -8.18 -26.41
N ARG A 216 23.49 -7.31 -26.03
CA ARG A 216 23.57 -5.97 -26.62
C ARG A 216 23.81 -6.02 -28.12
N ASN A 217 23.83 -7.23 -28.67
CA ASN A 217 24.04 -7.44 -30.12
C ASN A 217 22.71 -7.61 -30.82
N GLU A 218 21.75 -8.22 -30.12
CA GLU A 218 20.41 -8.48 -30.65
C GLU A 218 20.42 -9.81 -31.41
N GLU B 1 -23.58 11.80 -2.25
CA GLU B 1 -22.75 10.64 -1.81
C GLU B 1 -21.95 10.98 -0.55
N VAL B 2 -22.03 10.11 0.46
CA VAL B 2 -21.27 10.32 1.70
C VAL B 2 -19.80 10.10 1.37
N LYS B 3 -18.97 11.11 1.58
CA LYS B 3 -17.56 10.98 1.27
C LYS B 3 -16.71 11.95 2.09
N LEU B 4 -15.44 11.61 2.24
CA LEU B 4 -14.49 12.43 2.98
C LEU B 4 -13.24 12.43 2.11
N VAL B 5 -12.63 13.60 1.97
CA VAL B 5 -11.42 13.74 1.15
C VAL B 5 -10.40 14.56 1.92
N GLU B 6 -9.23 13.99 2.18
CA GLU B 6 -8.21 14.72 2.90
C GLU B 6 -7.13 15.25 2.00
N SER B 7 -6.46 16.31 2.45
CA SER B 7 -5.40 16.91 1.67
C SER B 7 -4.46 17.70 2.57
N GLY B 8 -3.36 18.17 1.99
CA GLY B 8 -2.43 18.96 2.75
C GLY B 8 -1.16 18.24 3.16
N GLY B 9 -1.11 16.93 2.92
CA GLY B 9 0.08 16.17 3.31
C GLY B 9 1.31 16.50 2.50
N GLY B 10 2.48 16.19 3.05
CA GLY B 10 3.72 16.47 2.32
C GLY B 10 4.97 16.26 3.16
N LEU B 11 6.11 16.72 2.64
CA LEU B 11 7.38 16.61 3.35
C LEU B 11 7.57 17.84 4.24
N VAL B 12 7.76 17.60 5.53
CA VAL B 12 7.97 18.66 6.51
C VAL B 12 9.17 18.25 7.37
N LYS B 13 9.99 19.23 7.75
CA LYS B 13 11.17 18.95 8.56
C LYS B 13 10.86 18.89 10.06
N PRO B 14 11.75 18.26 10.85
CA PRO B 14 11.56 18.15 12.30
C PRO B 14 11.25 19.52 12.91
N GLY B 15 10.28 19.57 13.81
CA GLY B 15 9.92 20.83 14.44
C GLY B 15 9.06 21.70 13.54
N GLY B 16 8.97 21.34 12.26
CA GLY B 16 8.17 22.12 11.34
C GLY B 16 6.68 22.03 11.64
N SER B 17 5.88 22.68 10.82
CA SER B 17 4.43 22.67 10.96
C SER B 17 3.76 22.31 9.64
N LEU B 18 2.53 21.85 9.74
CA LEU B 18 1.77 21.47 8.57
C LEU B 18 0.31 21.41 8.97
N LYS B 19 -0.56 21.89 8.10
CA LYS B 19 -1.99 21.90 8.37
C LYS B 19 -2.67 20.98 7.35
N LEU B 20 -3.48 20.05 7.84
CA LEU B 20 -4.19 19.10 6.97
C LEU B 20 -5.67 19.46 6.92
N SER B 21 -6.34 19.07 5.84
CA SER B 21 -7.77 19.36 5.69
C SER B 21 -8.55 18.14 5.28
N CYS B 22 -9.85 18.14 5.60
CA CYS B 22 -10.72 17.03 5.25
C CYS B 22 -12.08 17.57 4.85
N ALA B 23 -12.36 17.52 3.56
CA ALA B 23 -13.62 18.02 3.03
C ALA B 23 -14.71 16.98 3.04
N ALA B 24 -15.75 17.24 3.83
CA ALA B 24 -16.91 16.37 3.95
C ALA B 24 -17.98 16.78 2.93
N SER B 25 -18.76 15.80 2.49
CA SER B 25 -19.83 16.06 1.53
C SER B 25 -20.83 14.91 1.54
N GLY B 26 -22.10 15.21 1.35
CA GLY B 26 -23.10 14.16 1.30
C GLY B 26 -23.83 13.89 2.60
N PHE B 27 -23.51 14.63 3.65
CA PHE B 27 -24.20 14.45 4.91
C PHE B 27 -24.10 15.74 5.70
N THR B 28 -24.89 15.84 6.76
CA THR B 28 -24.90 17.04 7.59
C THR B 28 -23.71 17.05 8.56
N PHE B 29 -22.56 17.45 8.02
CA PHE B 29 -21.29 17.54 8.75
C PHE B 29 -21.41 18.06 10.18
N SER B 30 -22.10 19.18 10.35
CA SER B 30 -22.26 19.78 11.68
C SER B 30 -22.84 18.87 12.77
N ASN B 31 -23.60 17.84 12.39
CA ASN B 31 -24.21 16.98 13.39
C ASN B 31 -23.34 15.83 13.91
N TYR B 32 -22.27 15.53 13.18
CA TYR B 32 -21.40 14.43 13.54
C TYR B 32 -20.06 14.73 14.21
N ALA B 33 -19.65 13.79 15.05
CA ALA B 33 -18.37 13.89 15.71
C ALA B 33 -17.38 13.42 14.63
N MET B 34 -16.14 13.94 14.64
CA MET B 34 -15.12 13.59 13.66
C MET B 34 -13.78 13.18 14.30
N SER B 35 -12.94 12.47 13.55
CA SER B 35 -11.66 12.03 14.07
C SER B 35 -10.56 11.99 13.01
N TRP B 36 -9.34 11.98 13.50
CA TRP B 36 -8.18 11.84 12.65
C TRP B 36 -7.49 10.60 13.18
N VAL B 37 -7.22 9.65 12.30
CA VAL B 37 -6.54 8.40 12.62
C VAL B 37 -5.40 8.29 11.61
N ARG B 38 -4.20 7.99 12.12
CA ARG B 38 -3.01 7.87 11.28
C ARG B 38 -2.53 6.43 11.19
N GLN B 39 -1.79 6.14 10.12
CA GLN B 39 -1.27 4.81 9.92
C GLN B 39 0.21 4.99 9.65
N THR B 40 1.03 4.48 10.57
CA THR B 40 2.48 4.56 10.45
C THR B 40 2.98 3.73 9.28
N PRO B 41 4.26 3.89 8.92
CA PRO B 41 4.80 3.10 7.81
C PRO B 41 4.69 1.61 8.15
N GLU B 42 4.70 1.31 9.44
CA GLU B 42 4.60 -0.07 9.95
C GLU B 42 3.19 -0.61 9.77
N LYS B 43 2.30 0.21 9.22
CA LYS B 43 0.92 -0.19 8.99
C LYS B 43 0.07 -0.26 10.27
N ARG B 44 0.60 0.29 11.36
CA ARG B 44 -0.11 0.32 12.62
C ARG B 44 -1.07 1.52 12.61
N LEU B 45 -2.30 1.31 13.09
CA LEU B 45 -3.30 2.38 13.13
C LEU B 45 -3.31 3.04 14.49
N GLU B 46 -3.27 4.38 14.51
CA GLU B 46 -3.26 5.16 15.75
C GLU B 46 -4.27 6.30 15.76
N TRP B 47 -5.11 6.33 16.80
CA TRP B 47 -6.08 7.40 16.97
C TRP B 47 -5.31 8.67 17.32
N VAL B 48 -5.59 9.78 16.64
CA VAL B 48 -4.88 11.02 16.90
C VAL B 48 -5.71 12.00 17.71
N VAL B 49 -6.93 12.26 17.25
CA VAL B 49 -7.81 13.19 17.93
C VAL B 49 -9.27 12.99 17.50
N SER B 50 -10.20 13.44 18.33
CA SER B 50 -11.62 13.35 18.01
C SER B 50 -12.28 14.63 18.48
N ILE B 51 -13.15 15.18 17.63
CA ILE B 51 -13.88 16.39 17.97
C ILE B 51 -15.36 16.11 17.76
N SER B 52 -16.12 16.23 18.84
CA SER B 52 -17.57 15.98 18.80
C SER B 52 -18.29 17.10 18.08
N SER B 53 -19.61 16.94 17.96
CA SER B 53 -20.42 17.96 17.31
C SER B 53 -20.40 19.16 18.26
N GLY B 54 -20.41 18.86 19.56
CA GLY B 54 -20.39 19.89 20.57
C GLY B 54 -19.14 20.76 20.58
N GLY B 55 -18.13 20.35 19.80
CA GLY B 55 -16.91 21.13 19.75
C GLY B 55 -15.85 20.64 20.71
N SER B 56 -16.23 19.74 21.62
CA SER B 56 -15.29 19.16 22.59
C SER B 56 -14.19 18.39 21.84
N ILE B 57 -12.97 18.45 22.37
CA ILE B 57 -11.81 17.80 21.76
C ILE B 57 -11.04 16.89 22.72
N TYR B 58 -10.52 15.77 22.21
CA TYR B 58 -9.74 14.83 23.03
C TYR B 58 -8.52 14.44 22.21
N TYR B 59 -7.34 14.64 22.77
CA TYR B 59 -6.11 14.33 22.05
C TYR B 59 -5.38 13.11 22.59
N LEU B 60 -4.55 12.52 21.72
CA LEU B 60 -3.73 11.39 22.10
C LEU B 60 -2.60 12.10 22.86
N ASP B 61 -2.33 11.67 24.08
CA ASP B 61 -1.32 12.28 24.93
C ASP B 61 -0.05 12.72 24.18
N SER B 62 0.47 11.86 23.33
CA SER B 62 1.70 12.13 22.57
C SER B 62 1.67 13.27 21.56
N VAL B 63 0.52 13.90 21.35
CA VAL B 63 0.43 15.02 20.42
C VAL B 63 -0.27 16.18 21.12
N LYS B 64 -0.66 15.96 22.37
CA LYS B 64 -1.34 16.97 23.16
C LYS B 64 -0.41 18.16 23.31
N GLY B 65 -0.88 19.33 22.88
CA GLY B 65 -0.07 20.52 22.96
C GLY B 65 0.71 20.83 21.68
N ARG B 66 0.78 19.87 20.77
CA ARG B 66 1.49 20.04 19.51
C ARG B 66 0.51 20.14 18.34
N PHE B 67 -0.54 19.32 18.39
CA PHE B 67 -1.56 19.28 17.35
C PHE B 67 -2.77 20.08 17.77
N THR B 68 -3.45 20.68 16.79
CA THR B 68 -4.64 21.43 17.07
C THR B 68 -5.71 21.03 16.05
N VAL B 69 -6.79 20.41 16.52
CA VAL B 69 -7.87 20.02 15.62
C VAL B 69 -8.90 21.15 15.61
N SER B 70 -9.63 21.29 14.51
CA SER B 70 -10.65 22.32 14.41
C SER B 70 -11.60 21.98 13.26
N ARG B 71 -12.75 22.65 13.24
CA ARG B 71 -13.73 22.39 12.20
C ARG B 71 -14.49 23.64 11.77
N ASP B 72 -14.84 23.67 10.49
CA ASP B 72 -15.58 24.77 9.91
C ASP B 72 -16.93 24.17 9.50
N ASN B 73 -17.90 24.21 10.42
CA ASN B 73 -19.23 23.66 10.18
C ASN B 73 -20.04 24.40 9.14
N ALA B 74 -19.41 25.39 8.50
CA ALA B 74 -20.07 26.17 7.47
C ALA B 74 -19.63 25.58 6.13
N ARG B 75 -18.32 25.47 5.96
CA ARG B 75 -17.72 24.92 4.74
C ARG B 75 -17.61 23.39 4.79
N ASN B 76 -18.01 22.80 5.91
CA ASN B 76 -17.96 21.35 6.09
C ASN B 76 -16.54 20.82 5.87
N ILE B 77 -15.60 21.32 6.66
CA ILE B 77 -14.20 20.93 6.56
C ILE B 77 -13.63 20.65 7.94
N LEU B 78 -12.80 19.62 8.04
CA LEU B 78 -12.15 19.29 9.32
C LEU B 78 -10.68 19.57 9.12
N TYR B 79 -10.04 20.21 10.10
CA TYR B 79 -8.60 20.52 10.03
C TYR B 79 -7.78 19.86 11.14
N LEU B 80 -6.48 19.74 10.91
CA LEU B 80 -5.55 19.23 11.90
C LEU B 80 -4.28 20.05 11.73
N GLN B 81 -4.03 20.97 12.65
CA GLN B 81 -2.83 21.81 12.56
C GLN B 81 -1.73 21.12 13.35
N MET B 82 -0.63 20.77 12.68
CA MET B 82 0.46 20.11 13.36
C MET B 82 1.67 21.03 13.52
N THR B 83 2.25 21.00 14.71
CA THR B 83 3.42 21.82 15.03
C THR B 83 4.43 20.93 15.75
N SER B 84 5.70 21.29 15.72
CA SER B 84 6.74 20.50 16.38
C SER B 84 6.75 19.05 15.87
N LEU B 85 6.58 18.88 14.56
CA LEU B 85 6.54 17.54 13.97
C LEU B 85 7.76 16.69 14.25
N ARG B 86 7.53 15.42 14.54
CA ARG B 86 8.60 14.47 14.82
C ARG B 86 8.61 13.34 13.81
N SER B 87 9.71 12.59 13.79
CA SER B 87 9.87 11.46 12.88
C SER B 87 8.69 10.50 12.99
N GLU B 88 8.29 10.22 14.24
CA GLU B 88 7.19 9.30 14.47
C GLU B 88 5.81 9.82 14.06
N ASP B 89 5.72 11.08 13.62
CA ASP B 89 4.45 11.63 13.18
C ASP B 89 4.28 11.31 11.70
N THR B 90 5.31 10.67 11.14
CA THR B 90 5.29 10.25 9.75
C THR B 90 4.20 9.21 9.60
N ALA B 91 3.25 9.46 8.72
CA ALA B 91 2.14 8.51 8.52
C ALA B 91 1.11 8.94 7.49
N MET B 92 0.22 8.02 7.18
CA MET B 92 -0.87 8.32 6.29
C MET B 92 -1.96 8.82 7.28
N TYR B 93 -2.44 10.04 7.07
CA TYR B 93 -3.46 10.60 7.94
C TYR B 93 -4.83 10.46 7.35
N PHE B 94 -5.68 9.77 8.09
CA PHE B 94 -7.04 9.50 7.69
C PHE B 94 -8.01 10.32 8.49
N CYS B 95 -9.05 10.74 7.81
CA CYS B 95 -10.13 11.52 8.35
C CYS B 95 -11.24 10.47 8.45
N ALA B 96 -11.97 10.44 9.56
CA ALA B 96 -13.04 9.47 9.73
C ALA B 96 -14.23 10.12 10.43
N ARG B 97 -15.43 9.67 10.07
CA ARG B 97 -16.62 10.20 10.71
C ARG B 97 -17.06 9.26 11.83
N VAL B 98 -17.56 9.81 12.93
CA VAL B 98 -18.03 9.01 14.06
C VAL B 98 -19.55 9.04 14.07
N SER B 99 -20.19 7.88 14.09
CA SER B 99 -21.65 7.84 14.12
C SER B 99 -22.20 7.31 15.42
N HIS B 100 -23.14 8.05 16.00
CA HIS B 100 -23.79 7.67 17.24
C HIS B 100 -25.10 6.95 16.94
N TYR B 101 -25.52 6.08 17.84
CA TYR B 101 -26.77 5.31 17.68
C TYR B 101 -27.34 4.90 19.03
N ASP B 102 -28.26 5.71 19.56
CA ASP B 102 -28.89 5.42 20.85
C ASP B 102 -30.04 4.44 20.67
N ASP B 106 -23.63 2.43 20.37
CA ASP B 106 -23.22 3.79 20.71
C ASP B 106 -22.46 4.46 19.55
N TRP B 107 -21.16 4.20 19.40
CA TRP B 107 -20.41 4.83 18.31
C TRP B 107 -19.32 3.99 17.64
N TYR B 108 -19.10 4.26 16.36
CA TYR B 108 -18.08 3.60 15.55
C TYR B 108 -17.72 4.47 14.35
N PHE B 109 -16.58 4.17 13.75
CA PHE B 109 -16.14 4.92 12.56
C PHE B 109 -16.82 4.29 11.36
N ASP B 110 -17.80 4.97 10.77
CA ASP B 110 -18.49 4.38 9.62
C ASP B 110 -18.06 4.91 8.25
N VAL B 111 -17.23 5.95 8.23
CA VAL B 111 -16.74 6.48 6.95
C VAL B 111 -15.30 6.98 7.06
N TRP B 112 -14.48 6.64 6.08
CA TRP B 112 -13.09 7.05 6.06
C TRP B 112 -12.74 7.57 4.68
N GLY B 113 -11.86 8.56 4.63
CA GLY B 113 -11.43 9.07 3.34
C GLY B 113 -10.21 8.28 2.91
N ALA B 114 -9.65 8.64 1.76
CA ALA B 114 -8.48 7.95 1.19
C ALA B 114 -7.16 8.22 1.94
N GLY B 115 -7.14 9.28 2.74
CA GLY B 115 -5.93 9.62 3.47
C GLY B 115 -5.03 10.60 2.72
N THR B 116 -4.06 11.17 3.42
CA THR B 116 -3.10 12.08 2.82
C THR B 116 -1.78 11.74 3.49
N SER B 117 -0.73 11.60 2.69
CA SER B 117 0.59 11.23 3.19
C SER B 117 1.43 12.38 3.76
N VAL B 118 2.03 12.12 4.93
CA VAL B 118 2.88 13.10 5.61
C VAL B 118 4.19 12.44 6.02
N THR B 119 5.29 13.01 5.56
CA THR B 119 6.60 12.46 5.90
C THR B 119 7.41 13.52 6.63
N VAL B 120 7.82 13.22 7.84
CA VAL B 120 8.62 14.15 8.62
C VAL B 120 10.09 13.78 8.49
N SER B 121 10.88 14.69 7.91
CA SER B 121 12.31 14.43 7.74
C SER B 121 13.14 15.65 7.36
N SER B 122 14.43 15.57 7.69
CA SER B 122 15.36 16.65 7.40
C SER B 122 15.79 16.54 5.94
N ALA B 123 15.73 15.33 5.40
CA ALA B 123 16.10 15.10 4.01
C ALA B 123 15.34 16.04 3.08
N LYS B 124 15.95 16.37 1.95
CA LYS B 124 15.32 17.27 1.01
C LYS B 124 14.69 16.47 -0.13
N THR B 125 13.77 17.14 -0.84
CA THR B 125 13.05 16.55 -1.97
C THR B 125 13.98 16.19 -3.14
N THR B 126 13.60 15.16 -3.89
CA THR B 126 14.35 14.74 -5.06
C THR B 126 13.36 14.10 -6.02
N PRO B 127 13.17 14.71 -7.19
CA PRO B 127 12.24 14.22 -8.21
C PRO B 127 12.77 12.90 -8.75
N PRO B 128 11.92 12.14 -9.43
CA PRO B 128 12.39 10.87 -9.97
C PRO B 128 12.85 10.92 -11.42
N SER B 129 13.63 9.93 -11.80
CA SER B 129 14.09 9.79 -13.16
C SER B 129 13.16 8.70 -13.64
N VAL B 130 12.56 8.85 -14.81
CA VAL B 130 11.64 7.83 -15.29
C VAL B 130 12.14 7.22 -16.58
N TYR B 131 12.44 5.92 -16.54
CA TYR B 131 12.96 5.20 -17.69
C TYR B 131 11.98 4.15 -18.18
N PRO B 132 11.93 3.95 -19.51
CA PRO B 132 11.03 2.97 -20.12
C PRO B 132 11.61 1.56 -20.02
N LEU B 133 10.75 0.55 -20.05
CA LEU B 133 11.18 -0.84 -19.99
C LEU B 133 10.55 -1.57 -21.17
N ALA B 134 11.31 -1.74 -22.24
CA ALA B 134 10.83 -2.43 -23.44
C ALA B 134 11.57 -3.74 -23.67
N PRO B 135 10.83 -4.78 -24.08
CA PRO B 135 11.40 -6.11 -24.35
C PRO B 135 12.57 -6.14 -25.34
N GLY B 136 13.36 -7.21 -25.25
CA GLY B 136 14.51 -7.38 -26.12
C GLY B 136 14.13 -7.63 -27.57
N ASN B 142 4.33 -15.46 -27.40
CA ASN B 142 4.19 -14.33 -28.32
C ASN B 142 2.73 -13.91 -28.48
N SER B 143 1.93 -14.15 -27.44
CA SER B 143 0.51 -13.80 -27.45
C SER B 143 0.26 -12.50 -26.67
N MET B 144 1.06 -12.30 -25.63
CA MET B 144 0.97 -11.11 -24.78
C MET B 144 2.39 -10.55 -24.63
N VAL B 145 2.50 -9.27 -24.34
CA VAL B 145 3.80 -8.65 -24.15
C VAL B 145 3.75 -7.81 -22.88
N THR B 146 4.80 -7.88 -22.08
CA THR B 146 4.84 -7.12 -20.85
C THR B 146 5.79 -5.95 -21.01
N LEU B 147 5.34 -4.77 -20.60
CA LEU B 147 6.14 -3.55 -20.69
C LEU B 147 6.22 -2.98 -19.29
N GLY B 148 7.07 -1.97 -19.11
CA GLY B 148 7.16 -1.41 -17.78
C GLY B 148 7.89 -0.08 -17.72
N CYS B 149 7.82 0.53 -16.55
CA CYS B 149 8.46 1.81 -16.30
C CYS B 149 9.29 1.71 -15.01
N LEU B 150 10.48 2.26 -15.07
CA LEU B 150 11.41 2.29 -13.94
C LEU B 150 11.37 3.71 -13.39
N VAL B 151 10.98 3.86 -12.12
CA VAL B 151 10.90 5.16 -11.46
C VAL B 151 11.93 5.11 -10.35
N LYS B 152 13.07 5.79 -10.50
CA LYS B 152 14.10 5.69 -9.46
C LYS B 152 14.79 6.93 -8.94
N GLY B 153 15.27 6.80 -7.70
CA GLY B 153 16.00 7.86 -7.04
C GLY B 153 15.18 9.05 -6.59
N TYR B 154 13.96 8.82 -6.11
CA TYR B 154 13.14 9.95 -5.68
C TYR B 154 12.88 9.93 -4.18
N PHE B 155 12.46 11.08 -3.66
CA PHE B 155 12.15 11.23 -2.25
C PHE B 155 11.37 12.52 -2.05
N PRO B 156 10.35 12.49 -1.18
CA PRO B 156 9.93 11.31 -0.42
C PRO B 156 8.80 10.59 -1.16
N GLU B 157 8.20 9.62 -0.50
CA GLU B 157 7.07 8.89 -1.08
C GLU B 157 5.87 9.84 -0.83
N PRO B 158 4.81 9.71 -1.62
CA PRO B 158 4.68 8.74 -2.72
C PRO B 158 4.77 9.32 -4.14
N VAL B 159 4.59 8.45 -5.12
CA VAL B 159 4.54 8.80 -6.53
C VAL B 159 3.28 8.06 -6.96
N THR B 160 2.70 8.47 -8.07
CA THR B 160 1.52 7.81 -8.61
C THR B 160 1.95 7.33 -9.98
N VAL B 161 1.41 6.20 -10.41
CA VAL B 161 1.74 5.65 -11.69
C VAL B 161 0.47 5.16 -12.35
N THR B 162 0.30 5.53 -13.61
CA THR B 162 -0.85 5.12 -14.39
C THR B 162 -0.36 4.82 -15.79
N TRP B 163 -1.20 4.14 -16.55
CA TRP B 163 -0.85 3.81 -17.93
C TRP B 163 -1.90 4.40 -18.85
N ASN B 164 -1.43 5.20 -19.80
CA ASN B 164 -2.32 5.85 -20.76
C ASN B 164 -3.36 6.66 -20.01
N SER B 165 -2.87 7.48 -19.09
CA SER B 165 -3.70 8.36 -18.28
C SER B 165 -4.78 7.68 -17.45
N GLY B 166 -4.64 6.38 -17.20
CA GLY B 166 -5.61 5.68 -16.37
C GLY B 166 -6.65 4.87 -17.11
N SER B 167 -6.55 4.85 -18.43
CA SER B 167 -7.48 4.10 -19.25
C SER B 167 -7.00 2.66 -19.41
N LEU B 168 -5.71 2.45 -19.16
CA LEU B 168 -5.13 1.13 -19.25
C LEU B 168 -4.90 0.69 -17.80
N SER B 169 -5.91 0.05 -17.21
CA SER B 169 -5.84 -0.37 -15.82
C SER B 169 -5.73 -1.88 -15.57
N SER B 170 -6.15 -2.69 -16.54
CA SER B 170 -6.08 -4.14 -16.39
C SER B 170 -4.65 -4.61 -16.66
N GLY B 171 -4.32 -5.81 -16.17
CA GLY B 171 -2.97 -6.34 -16.39
C GLY B 171 -1.89 -5.41 -15.90
N VAL B 172 -2.21 -4.65 -14.85
CA VAL B 172 -1.27 -3.69 -14.29
C VAL B 172 -1.01 -3.84 -12.80
N HIS B 173 0.26 -3.77 -12.41
CA HIS B 173 0.62 -3.78 -11.00
C HIS B 173 1.91 -3.01 -10.78
N THR B 174 1.99 -2.32 -9.65
CA THR B 174 3.15 -1.52 -9.33
C THR B 174 3.88 -2.11 -8.12
N PHE B 175 5.17 -2.37 -8.28
CA PHE B 175 5.96 -2.95 -7.21
C PHE B 175 6.27 -1.92 -6.15
N PRO B 176 6.13 -2.31 -4.88
CA PRO B 176 6.39 -1.42 -3.75
C PRO B 176 7.69 -0.67 -3.89
N ALA B 177 7.74 0.56 -3.42
CA ALA B 177 8.97 1.34 -3.50
C ALA B 177 9.92 0.83 -2.43
N VAL B 178 11.19 0.73 -2.77
CA VAL B 178 12.17 0.27 -1.81
C VAL B 178 13.17 1.37 -1.54
N LEU B 179 13.40 1.65 -0.26
CA LEU B 179 14.36 2.70 0.13
C LEU B 179 15.78 2.13 0.12
N GLN B 180 16.71 2.89 -0.46
CA GLN B 180 18.11 2.49 -0.58
C GLN B 180 18.93 3.77 -0.81
N SER B 181 19.92 4.01 0.04
CA SER B 181 20.74 5.22 -0.08
C SER B 181 19.84 6.46 0.04
N ASP B 182 18.86 6.41 0.94
CA ASP B 182 17.92 7.52 1.18
C ASP B 182 17.10 7.96 -0.03
N LEU B 183 16.87 7.05 -0.95
CA LEU B 183 16.07 7.36 -2.13
C LEU B 183 15.23 6.15 -2.48
N TYR B 184 14.00 6.39 -2.94
CA TYR B 184 13.10 5.29 -3.29
C TYR B 184 13.16 4.97 -4.77
N THR B 185 12.90 3.69 -5.08
CA THR B 185 12.88 3.22 -6.45
C THR B 185 11.84 2.14 -6.54
N LEU B 186 11.05 2.18 -7.61
CA LEU B 186 10.03 1.17 -7.85
C LEU B 186 9.87 1.04 -9.35
N SER B 187 9.10 0.06 -9.82
CA SER B 187 8.87 -0.11 -11.24
C SER B 187 7.42 -0.54 -11.40
N SER B 188 6.86 -0.34 -12.59
CA SER B 188 5.47 -0.72 -12.83
C SER B 188 5.44 -1.64 -14.03
N SER B 189 4.54 -2.60 -13.97
CA SER B 189 4.39 -3.62 -15.02
C SER B 189 3.03 -3.55 -15.69
N VAL B 190 3.02 -3.57 -17.02
CA VAL B 190 1.78 -3.57 -17.77
C VAL B 190 1.85 -4.63 -18.87
N THR B 191 0.85 -5.49 -18.92
CA THR B 191 0.77 -6.56 -19.90
C THR B 191 -0.43 -6.35 -20.82
N VAL B 192 -0.19 -6.33 -22.13
CA VAL B 192 -1.25 -6.12 -23.11
C VAL B 192 -1.11 -7.15 -24.24
N PRO B 193 -2.15 -7.31 -25.08
CA PRO B 193 -2.08 -8.25 -26.20
C PRO B 193 -0.97 -7.83 -27.15
N SER B 194 -0.13 -8.77 -27.57
CA SER B 194 0.96 -8.43 -28.46
C SER B 194 0.48 -7.87 -29.80
N SER B 195 -0.72 -8.25 -30.20
CA SER B 195 -1.30 -7.81 -31.45
C SER B 195 -1.70 -6.33 -31.44
N THR B 196 -1.44 -5.64 -30.34
CA THR B 196 -1.80 -4.23 -30.26
C THR B 196 -0.64 -3.34 -29.85
N TRP B 197 0.57 -3.87 -29.94
CA TRP B 197 1.77 -3.11 -29.59
C TRP B 197 2.85 -3.58 -30.54
N PRO B 198 3.64 -2.65 -31.10
CA PRO B 198 3.68 -1.18 -30.99
C PRO B 198 2.48 -0.44 -31.58
N SER B 199 1.60 -1.18 -32.25
CA SER B 199 0.41 -0.60 -32.88
C SER B 199 -0.20 0.48 -31.98
N GLU B 200 -1.07 0.04 -31.08
CA GLU B 200 -1.74 0.92 -30.14
C GLU B 200 -0.72 1.28 -29.04
N THR B 201 -0.39 2.56 -28.95
CA THR B 201 0.58 3.08 -27.98
C THR B 201 0.38 2.75 -26.49
N VAL B 202 1.50 2.59 -25.79
CA VAL B 202 1.52 2.31 -24.35
C VAL B 202 2.48 3.30 -23.70
N THR B 203 1.96 4.10 -22.78
CA THR B 203 2.76 5.11 -22.10
C THR B 203 2.39 5.20 -20.61
N CYS B 204 3.41 5.32 -19.75
CA CYS B 204 3.14 5.40 -18.32
C CYS B 204 3.26 6.84 -17.83
N ASN B 205 2.37 7.19 -16.92
CA ASN B 205 2.38 8.55 -16.39
C ASN B 205 2.82 8.46 -14.94
N VAL B 206 3.80 9.28 -14.59
CA VAL B 206 4.34 9.28 -13.25
C VAL B 206 4.34 10.66 -12.67
N ALA B 207 3.69 10.81 -11.53
CA ALA B 207 3.63 12.07 -10.82
C ALA B 207 4.28 11.96 -9.44
N HIS B 208 5.03 12.99 -9.05
CA HIS B 208 5.64 13.01 -7.74
C HIS B 208 5.30 14.35 -7.06
N PRO B 209 4.09 14.46 -6.48
CA PRO B 209 3.60 15.66 -5.80
C PRO B 209 4.59 16.49 -5.00
N ALA B 210 5.44 15.85 -4.21
CA ALA B 210 6.42 16.57 -3.41
C ALA B 210 7.34 17.47 -4.25
N SER B 211 7.72 17.00 -5.43
CA SER B 211 8.60 17.76 -6.31
C SER B 211 7.82 18.36 -7.47
N SER B 212 6.50 18.44 -7.32
CA SER B 212 5.65 18.99 -8.37
C SER B 212 5.96 18.40 -9.75
N THR B 213 6.51 17.18 -9.78
CA THR B 213 6.86 16.52 -11.04
C THR B 213 5.74 15.66 -11.65
N LYS B 214 5.68 15.67 -12.97
CA LYS B 214 4.70 14.90 -13.70
C LYS B 214 5.36 14.55 -15.04
N VAL B 215 5.81 13.29 -15.17
CA VAL B 215 6.47 12.85 -16.39
C VAL B 215 5.67 11.78 -17.10
N ASP B 216 5.70 11.82 -18.43
CA ASP B 216 5.02 10.83 -19.25
C ASP B 216 6.13 10.15 -20.03
N LYS B 217 6.12 8.82 -20.08
CA LYS B 217 7.17 8.14 -20.83
C LYS B 217 6.54 7.08 -21.71
N LYS B 218 6.74 7.24 -23.01
CA LYS B 218 6.20 6.34 -23.99
C LYS B 218 7.13 5.14 -24.14
N ILE B 219 6.55 3.94 -24.12
CA ILE B 219 7.34 2.72 -24.26
C ILE B 219 7.47 2.41 -25.75
N VAL B 220 8.55 2.89 -26.35
CA VAL B 220 8.80 2.64 -27.77
C VAL B 220 9.75 1.47 -27.95
N PRO B 221 9.37 0.50 -28.79
CA PRO B 221 10.18 -0.70 -29.06
C PRO B 221 11.61 -0.34 -29.45
N ARG B 222 12.57 -1.12 -28.96
CA ARG B 222 13.97 -0.90 -29.28
C ARG B 222 14.26 -1.54 -30.63
N ASP B 223 14.90 -0.80 -31.53
CA ASP B 223 15.24 -1.32 -32.85
C ASP B 223 16.75 -1.45 -33.04
N CYS B 224 17.40 -0.34 -33.39
CA CYS B 224 18.85 -0.31 -33.59
C CYS B 224 19.38 -1.51 -34.39
#